data_2QHB
#
_entry.id   2QHB
#
_cell.length_a   70.844
_cell.length_b   70.844
_cell.length_c   68.712
_cell.angle_alpha   90.00
_cell.angle_beta   90.00
_cell.angle_gamma   120.00
#
_symmetry.space_group_name_H-M   'P 32'
#
loop_
_entity.id
_entity.type
_entity.pdbx_description
1 polymer "5'-D(P*TP*TP*TP*AP*GP*GP*G)-3'"
2 polymer "5'-D(P*CP*CP*CP*TP*AP*AP*A)-3'"
3 polymer 'Telomere binding protein TBP1'
4 water water
#
loop_
_entity_poly.entity_id
_entity_poly.type
_entity_poly.pdbx_seq_one_letter_code
_entity_poly.pdbx_strand_id
1 'polydeoxyribonucleotide' (DT)(DT)(DT)(DA)(DG)(DG)(DG) C,E
2 'polydeoxyribonucleotide' (DC)(DC)(DC)(DT)(DA)(DA)(DA) D,F
3 'polypeptide(L)'
;RRIRRPFSVAEVEALVEAVEHLGTGRWRDVKMRAFDNADHRTYVDLKDKWKTLVHTASIAPQQRRGEPVPQDLLDRVLAA
HAYWSQ
;
A,B
#
loop_
_chem_comp.id
_chem_comp.type
_chem_comp.name
_chem_comp.formula
DA DNA linking 2'-DEOXYADENOSINE-5'-MONOPHOSPHATE 'C10 H14 N5 O6 P'
DC DNA linking 2'-DEOXYCYTIDINE-5'-MONOPHOSPHATE 'C9 H14 N3 O7 P'
DG DNA linking 2'-DEOXYGUANOSINE-5'-MONOPHOSPHATE 'C10 H14 N5 O7 P'
DT DNA linking THYMIDINE-5'-MONOPHOSPHATE 'C10 H15 N2 O8 P'
#
# COMPACT_ATOMS: atom_id res chain seq x y z
N ARG E 1 14.97 21.56 3.87
CA ARG E 1 13.84 21.04 4.70
C ARG E 1 12.74 20.44 3.83
N ARG E 2 12.49 19.14 4.01
CA ARG E 2 11.47 18.45 3.25
C ARG E 2 10.07 18.98 3.56
N ILE E 3 9.20 18.96 2.56
CA ILE E 3 7.82 19.42 2.72
C ILE E 3 7.13 18.60 3.80
N ARG E 4 6.30 19.24 4.61
CA ARG E 4 5.57 18.55 5.65
C ARG E 4 4.35 17.91 4.99
N ARG E 5 4.30 16.58 4.99
CA ARG E 5 3.20 15.84 4.36
C ARG E 5 2.52 14.87 5.33
N PRO E 6 1.35 15.28 5.86
CA PRO E 6 0.60 14.46 6.81
C PRO E 6 0.40 13.03 6.31
N PHE E 7 0.20 12.11 7.25
CA PHE E 7 -0.05 10.72 6.92
C PHE E 7 -1.54 10.46 6.73
N SER E 8 -1.91 9.98 5.55
CA SER E 8 -3.31 9.64 5.25
C SER E 8 -3.75 8.49 6.20
N VAL E 9 -5.00 8.07 6.09
CA VAL E 9 -5.50 6.97 6.92
C VAL E 9 -5.09 5.61 6.37
N ALA E 10 -4.96 5.53 5.05
CA ALA E 10 -4.55 4.29 4.39
C ALA E 10 -3.10 4.00 4.77
N GLU E 11 -2.31 5.05 4.90
CA GLU E 11 -0.90 4.91 5.27
C GLU E 11 -0.81 4.44 6.71
N VAL E 12 -1.52 5.12 7.59
CA VAL E 12 -1.53 4.74 8.99
C VAL E 12 -1.91 3.26 9.06
N GLU E 13 -2.82 2.86 8.19
CA GLU E 13 -3.32 1.49 8.17
C GLU E 13 -2.32 0.47 7.69
N ALA E 14 -1.52 0.87 6.69
CA ALA E 14 -0.50 -0.02 6.13
C ALA E 14 0.72 -0.03 7.06
N LEU E 15 0.81 0.99 7.90
CA LEU E 15 1.91 1.08 8.85
C LEU E 15 1.59 0.18 10.07
N VAL E 16 0.31 0.11 10.41
CA VAL E 16 -0.12 -0.71 11.54
C VAL E 16 -0.10 -2.19 11.22
N GLU E 17 -0.42 -2.56 9.98
CA GLU E 17 -0.41 -3.98 9.58
C GLU E 17 1.05 -4.46 9.54
N ALA E 18 1.93 -3.60 9.03
CA ALA E 18 3.35 -3.94 8.90
C ALA E 18 3.97 -4.20 10.28
N VAL E 19 3.83 -3.23 11.18
CA VAL E 19 4.37 -3.35 12.54
C VAL E 19 3.80 -4.53 13.34
N GLU E 20 2.55 -4.92 13.08
CA GLU E 20 1.95 -6.05 13.79
C GLU E 20 2.65 -7.35 13.44
N HIS E 21 3.28 -7.39 12.26
CA HIS E 21 3.99 -8.58 11.79
C HIS E 21 5.47 -8.54 12.14
N LEU E 22 6.12 -7.44 11.78
CA LEU E 22 7.55 -7.27 11.98
C LEU E 22 7.92 -6.75 13.36
N GLY E 23 7.11 -5.82 13.88
CA GLY E 23 7.39 -5.24 15.17
C GLY E 23 8.00 -3.85 15.02
N THR E 24 8.58 -3.35 16.10
CA THR E 24 9.19 -2.03 16.12
C THR E 24 10.71 -2.01 16.06
N GLY E 25 11.34 -3.06 15.56
CA GLY E 25 12.79 -3.08 15.49
C GLY E 25 13.35 -3.32 14.10
N ARG E 26 12.48 -3.27 13.09
CA ARG E 26 12.88 -3.50 11.71
C ARG E 26 12.16 -2.49 10.82
N TRP E 27 12.45 -1.22 11.03
CA TRP E 27 11.82 -0.16 10.25
C TRP E 27 12.16 -0.19 8.76
N ARG E 28 13.29 -0.76 8.38
CA ARG E 28 13.61 -0.82 6.95
C ARG E 28 12.73 -1.86 6.29
N ASP E 29 12.43 -2.93 7.01
CA ASP E 29 11.59 -3.97 6.46
C ASP E 29 10.14 -3.54 6.40
N VAL E 30 9.70 -2.82 7.43
CA VAL E 30 8.34 -2.28 7.49
C VAL E 30 8.08 -1.43 6.25
N LYS E 31 9.06 -0.58 5.91
CA LYS E 31 8.90 0.25 4.73
C LYS E 31 8.91 -0.62 3.48
N MET E 32 9.78 -1.63 3.46
CA MET E 32 9.84 -2.50 2.29
C MET E 32 8.56 -3.31 2.12
N ARG E 33 7.85 -3.50 3.23
CA ARG E 33 6.62 -4.27 3.22
C ARG E 33 5.36 -3.43 3.02
N ALA E 34 5.41 -2.16 3.40
CA ALA E 34 4.23 -1.32 3.30
C ALA E 34 4.36 -0.01 2.54
N PHE E 35 5.57 0.55 2.50
CA PHE E 35 5.78 1.81 1.80
C PHE E 35 6.95 1.68 0.83
N ASP E 36 7.11 0.48 0.28
CA ASP E 36 8.24 0.27 -0.62
C ASP E 36 8.32 1.19 -1.85
N ASN E 37 7.19 1.74 -2.26
CA ASN E 37 7.16 2.63 -3.41
C ASN E 37 6.78 4.07 -3.01
N ALA E 38 6.82 4.37 -1.71
CA ALA E 38 6.51 5.72 -1.22
C ALA E 38 7.85 6.38 -0.92
N ASP E 39 8.47 6.95 -1.94
CA ASP E 39 9.79 7.57 -1.78
C ASP E 39 9.86 8.68 -0.73
N HIS E 40 8.70 9.26 -0.39
CA HIS E 40 8.66 10.33 0.59
C HIS E 40 8.67 9.83 2.04
N ARG E 41 8.32 8.56 2.23
CA ARG E 41 8.29 7.99 3.57
C ARG E 41 9.54 7.14 3.82
N THR E 42 10.54 7.67 4.52
CA THR E 42 11.75 6.91 4.83
C THR E 42 11.42 6.05 6.05
N TYR E 43 12.26 5.04 6.32
CA TYR E 43 12.02 4.16 7.46
C TYR E 43 12.15 4.88 8.80
N VAL E 44 12.69 6.10 8.77
CA VAL E 44 12.82 6.91 9.97
C VAL E 44 11.46 7.64 10.10
N ASP E 45 10.83 7.95 8.97
CA ASP E 45 9.53 8.60 8.99
C ASP E 45 8.54 7.62 9.62
N LEU E 46 8.66 6.36 9.26
CA LEU E 46 7.78 5.32 9.78
C LEU E 46 7.99 5.11 11.28
N LYS E 47 9.24 5.16 11.71
CA LYS E 47 9.57 4.99 13.11
C LYS E 47 8.90 6.16 13.83
N ASP E 48 9.09 7.36 13.29
CA ASP E 48 8.50 8.58 13.84
C ASP E 48 6.99 8.57 13.84
N LYS E 49 6.39 8.11 12.74
CA LYS E 49 4.92 8.06 12.67
C LYS E 49 4.35 7.08 13.68
N TRP E 50 5.12 6.06 14.02
CA TRP E 50 4.65 5.08 15.00
C TRP E 50 4.81 5.65 16.41
N LYS E 51 5.70 6.63 16.55
CA LYS E 51 5.95 7.27 17.83
C LYS E 51 4.77 8.20 18.16
N THR E 52 4.22 8.86 17.15
CA THR E 52 3.11 9.76 17.42
C THR E 52 1.79 9.01 17.53
N LEU E 53 1.68 7.87 16.85
CA LEU E 53 0.46 7.06 16.91
C LEU E 53 0.26 6.45 18.30
N VAL E 54 1.36 6.30 19.05
CA VAL E 54 1.25 5.74 20.39
C VAL E 54 0.78 6.86 21.30
N HIS E 55 1.11 8.10 20.92
CA HIS E 55 0.69 9.26 21.67
C HIS E 55 -0.71 9.62 21.23
N THR E 56 -0.94 9.59 19.93
CA THR E 56 -2.25 9.88 19.35
C THR E 56 -3.32 9.07 20.06
N ALA E 57 -3.04 7.78 20.25
CA ALA E 57 -3.97 6.87 20.92
C ALA E 57 -3.96 6.99 22.46
N SER E 58 -2.98 7.73 22.99
CA SER E 58 -2.85 7.90 24.44
C SER E 58 -3.47 9.22 24.94
N ILE E 59 -3.99 10.02 24.04
CA ILE E 59 -4.62 11.28 24.45
C ILE E 59 -6.06 11.36 23.98
N ALA E 60 -6.81 12.30 24.54
CA ALA E 60 -8.22 12.47 24.21
C ALA E 60 -8.39 12.80 22.72
N PRO E 61 -9.50 12.35 22.10
CA PRO E 61 -9.81 12.58 20.69
C PRO E 61 -9.84 14.06 20.35
N GLN E 62 -10.38 14.85 21.27
CA GLN E 62 -10.47 16.30 21.11
C GLN E 62 -9.09 16.94 21.12
N GLN E 63 -8.08 16.19 21.55
CA GLN E 63 -6.71 16.70 21.60
C GLN E 63 -6.00 16.50 20.28
N ARG E 64 -6.44 15.48 19.55
CA ARG E 64 -5.83 15.12 18.29
C ARG E 64 -6.07 16.15 17.20
N ARG E 65 -5.06 16.36 16.36
CA ARG E 65 -5.16 17.32 15.27
C ARG E 65 -5.10 16.64 13.93
N GLY E 66 -5.46 17.38 12.89
CA GLY E 66 -5.44 16.83 11.55
C GLY E 66 -6.55 15.81 11.33
N GLU E 67 -6.55 15.22 10.13
CA GLU E 67 -7.54 14.21 9.77
C GLU E 67 -7.54 13.08 10.81
N PRO E 68 -8.71 12.80 11.39
CA PRO E 68 -8.85 11.75 12.40
C PRO E 68 -8.57 10.29 11.98
N VAL E 69 -7.74 9.63 12.78
CA VAL E 69 -7.35 8.24 12.56
C VAL E 69 -8.45 7.36 13.19
N PRO E 70 -9.07 6.47 12.40
CA PRO E 70 -10.12 5.60 12.94
C PRO E 70 -9.70 4.98 14.29
N GLN E 71 -10.63 4.93 15.23
CA GLN E 71 -10.33 4.38 16.55
C GLN E 71 -9.90 2.90 16.50
N ASP E 72 -10.27 2.19 15.44
CA ASP E 72 -9.94 0.79 15.30
C ASP E 72 -8.45 0.62 15.03
N LEU E 73 -7.80 1.66 14.51
CA LEU E 73 -6.36 1.58 14.22
C LEU E 73 -5.59 1.98 15.47
N LEU E 74 -6.15 2.93 16.20
CA LEU E 74 -5.54 3.37 17.45
C LEU E 74 -5.48 2.15 18.38
N ASP E 75 -6.59 1.41 18.43
CA ASP E 75 -6.64 0.22 19.25
C ASP E 75 -5.47 -0.72 18.92
N ARG E 76 -5.34 -1.05 17.63
CA ARG E 76 -4.31 -1.95 17.13
C ARG E 76 -2.91 -1.40 17.37
N VAL E 77 -2.78 -0.08 17.42
CA VAL E 77 -1.50 0.57 17.66
C VAL E 77 -1.05 0.23 19.07
N LEU E 78 -1.90 0.52 20.06
CA LEU E 78 -1.58 0.24 21.45
C LEU E 78 -1.50 -1.27 21.76
N ALA E 79 -2.23 -2.08 21.00
CA ALA E 79 -2.22 -3.52 21.19
C ALA E 79 -0.91 -4.09 20.66
N ALA E 80 -0.42 -3.52 19.57
CA ALA E 80 0.84 -3.99 18.98
C ALA E 80 1.99 -3.46 19.84
N HIS E 81 1.79 -2.24 20.35
CA HIS E 81 2.78 -1.59 21.20
C HIS E 81 2.97 -2.37 22.50
N ALA E 82 1.91 -3.00 22.99
CA ALA E 82 1.95 -3.77 24.22
C ALA E 82 2.58 -5.15 23.98
N TYR E 83 2.41 -5.67 22.76
CA TYR E 83 2.98 -6.97 22.40
C TYR E 83 4.47 -6.86 22.13
N TRP E 84 4.84 -6.07 21.13
CA TRP E 84 6.24 -5.84 20.77
C TRP E 84 6.94 -5.09 21.89
N SER E 85 6.32 -5.15 23.07
CA SER E 85 6.82 -4.51 24.27
C SER E 85 8.00 -5.27 24.84
N GLN E 86 9.11 -5.26 24.13
CA GLN E 86 10.32 -5.96 24.57
C GLN E 86 10.09 -7.47 24.50
N ARG F 2 10.08 9.63 -18.35
CA ARG F 2 10.33 9.11 -16.97
C ARG F 2 11.14 7.82 -17.00
N ILE F 3 11.89 7.57 -15.92
CA ILE F 3 12.72 6.37 -15.83
C ILE F 3 11.89 5.10 -15.73
N ARG F 4 12.44 3.98 -16.19
CA ARG F 4 11.71 2.72 -16.10
C ARG F 4 11.43 2.49 -14.63
N ARG F 5 10.84 1.36 -14.27
CA ARG F 5 10.48 1.08 -12.87
C ARG F 5 9.54 -0.12 -12.85
N PRO F 6 10.09 -1.34 -13.00
CA PRO F 6 9.25 -2.54 -12.99
C PRO F 6 8.32 -2.54 -11.77
N PHE F 7 7.11 -3.06 -11.94
CA PHE F 7 6.17 -3.16 -10.84
C PHE F 7 6.59 -4.33 -9.96
N SER F 8 6.55 -4.12 -8.65
CA SER F 8 6.92 -5.18 -7.72
C SER F 8 5.67 -6.05 -7.49
N VAL F 9 5.82 -7.18 -6.80
CA VAL F 9 4.69 -8.07 -6.52
C VAL F 9 3.62 -7.42 -5.65
N ALA F 10 4.04 -6.67 -4.64
CA ALA F 10 3.08 -6.01 -3.76
C ALA F 10 2.27 -5.00 -4.54
N GLU F 11 2.94 -4.26 -5.43
CA GLU F 11 2.25 -3.28 -6.25
C GLU F 11 1.18 -3.98 -7.09
N VAL F 12 1.53 -5.11 -7.70
CA VAL F 12 0.55 -5.84 -8.49
C VAL F 12 -0.62 -6.19 -7.55
N GLU F 13 -0.28 -6.76 -6.41
CA GLU F 13 -1.25 -7.14 -5.38
C GLU F 13 -2.19 -6.00 -5.00
N ALA F 14 -1.62 -4.81 -4.84
CA ALA F 14 -2.42 -3.64 -4.48
C ALA F 14 -3.30 -3.22 -5.64
N LEU F 15 -2.82 -3.44 -6.85
CA LEU F 15 -3.57 -3.08 -8.05
C LEU F 15 -4.73 -4.03 -8.22
N VAL F 16 -4.43 -5.33 -8.16
CA VAL F 16 -5.44 -6.35 -8.31
C VAL F 16 -6.56 -6.16 -7.30
N GLU F 17 -6.20 -5.95 -6.04
CA GLU F 17 -7.22 -5.75 -5.01
C GLU F 17 -8.09 -4.55 -5.36
N ALA F 18 -7.43 -3.45 -5.72
CA ALA F 18 -8.12 -2.22 -6.08
C ALA F 18 -9.14 -2.41 -7.21
N VAL F 19 -8.72 -3.06 -8.29
CA VAL F 19 -9.63 -3.27 -9.40
C VAL F 19 -10.78 -4.22 -9.12
N GLU F 20 -10.57 -5.21 -8.25
CA GLU F 20 -11.64 -6.15 -7.93
C GLU F 20 -12.78 -5.37 -7.25
N HIS F 21 -12.46 -4.21 -6.68
CA HIS F 21 -13.46 -3.42 -5.98
C HIS F 21 -14.05 -2.24 -6.75
N LEU F 22 -13.27 -1.69 -7.69
CA LEU F 22 -13.70 -0.53 -8.47
C LEU F 22 -13.98 -0.82 -9.92
N GLY F 23 -13.20 -1.73 -10.50
CA GLY F 23 -13.40 -2.06 -11.91
C GLY F 23 -12.30 -1.51 -12.81
N THR F 24 -12.57 -1.47 -14.10
CA THR F 24 -11.57 -0.99 -15.07
C THR F 24 -11.81 0.44 -15.61
N GLY F 25 -12.81 1.14 -15.07
CA GLY F 25 -13.07 2.49 -15.55
C GLY F 25 -13.00 3.57 -14.49
N ARG F 26 -12.02 3.49 -13.60
CA ARG F 26 -11.87 4.46 -12.52
C ARG F 26 -10.45 4.47 -11.99
N TRP F 27 -9.49 4.54 -12.91
CA TRP F 27 -8.07 4.52 -12.57
C TRP F 27 -7.67 5.61 -11.59
N ARG F 28 -8.43 6.69 -11.55
CA ARG F 28 -8.15 7.79 -10.64
C ARG F 28 -8.49 7.32 -9.24
N ASP F 29 -9.55 6.53 -9.11
CA ASP F 29 -9.93 6.00 -7.81
C ASP F 29 -9.01 4.85 -7.41
N VAL F 30 -8.56 4.07 -8.38
CA VAL F 30 -7.64 2.97 -8.10
C VAL F 30 -6.34 3.59 -7.55
N LYS F 31 -5.87 4.64 -8.23
CA LYS F 31 -4.67 5.35 -7.85
C LYS F 31 -4.83 5.88 -6.43
N MET F 32 -6.01 6.41 -6.12
CA MET F 32 -6.24 6.96 -4.80
C MET F 32 -6.34 5.86 -3.74
N ARG F 33 -6.98 4.77 -4.10
CA ARG F 33 -7.17 3.65 -3.19
C ARG F 33 -5.91 2.83 -2.90
N ALA F 34 -5.05 2.64 -3.90
CA ALA F 34 -3.89 1.79 -3.69
C ALA F 34 -2.48 2.32 -3.97
N PHE F 35 -2.39 3.51 -4.55
CA PHE F 35 -1.10 4.10 -4.90
C PHE F 35 -1.09 5.60 -4.59
N ASP F 36 -1.94 5.99 -3.63
CA ASP F 36 -2.08 7.39 -3.24
C ASP F 36 -0.80 8.14 -2.80
N ASN F 37 0.22 7.40 -2.39
CA ASN F 37 1.49 8.02 -1.97
C ASN F 37 2.65 7.49 -2.81
N ALA F 38 2.34 6.83 -3.92
CA ALA F 38 3.38 6.33 -4.82
C ALA F 38 3.39 7.32 -5.98
N ASP F 39 4.06 8.44 -5.77
CA ASP F 39 4.11 9.50 -6.77
C ASP F 39 4.55 9.09 -8.17
N HIS F 40 5.38 8.06 -8.28
CA HIS F 40 5.81 7.63 -9.61
C HIS F 40 4.75 6.84 -10.39
N ARG F 41 3.72 6.35 -9.71
CA ARG F 41 2.66 5.63 -10.40
C ARG F 41 1.41 6.48 -10.53
N THR F 42 1.11 6.93 -11.76
CA THR F 42 -0.08 7.76 -12.01
C THR F 42 -1.17 6.82 -12.50
N TYR F 43 -2.42 7.25 -12.41
CA TYR F 43 -3.53 6.39 -12.84
C TYR F 43 -3.41 5.89 -14.26
N VAL F 44 -2.67 6.60 -15.10
CA VAL F 44 -2.48 6.10 -16.47
C VAL F 44 -1.50 4.89 -16.45
N ASP F 45 -0.54 4.90 -15.53
CA ASP F 45 0.43 3.80 -15.42
C ASP F 45 -0.27 2.55 -14.90
N LEU F 46 -1.26 2.75 -14.03
CA LEU F 46 -2.01 1.65 -13.47
C LEU F 46 -2.90 1.08 -14.58
N LYS F 47 -3.46 1.96 -15.39
CA LYS F 47 -4.30 1.51 -16.48
C LYS F 47 -3.44 0.63 -17.37
N ASP F 48 -2.22 1.10 -17.62
CA ASP F 48 -1.29 0.37 -18.46
C ASP F 48 -0.85 -0.97 -17.85
N LYS F 49 -0.61 -0.98 -16.54
CA LYS F 49 -0.19 -2.21 -15.87
C LYS F 49 -1.30 -3.27 -15.84
N TRP F 50 -2.55 -2.82 -15.93
CA TRP F 50 -3.67 -3.73 -15.95
C TRP F 50 -3.70 -4.35 -17.34
N LYS F 51 -3.31 -3.56 -18.32
CA LYS F 51 -3.27 -4.01 -19.70
C LYS F 51 -2.20 -5.08 -19.87
N THR F 52 -1.03 -4.89 -19.25
CA THR F 52 0.03 -5.87 -19.42
C THR F 52 -0.24 -7.12 -18.60
N LEU F 53 -0.80 -6.93 -17.40
CA LEU F 53 -1.13 -8.04 -16.50
C LEU F 53 -2.13 -9.00 -17.17
N VAL F 54 -3.09 -8.46 -17.90
CA VAL F 54 -4.08 -9.30 -18.57
C VAL F 54 -3.33 -10.12 -19.62
N HIS F 55 -2.39 -9.48 -20.29
CA HIS F 55 -1.62 -10.18 -21.31
C HIS F 55 -0.72 -11.20 -20.63
N THR F 56 -0.04 -10.76 -19.57
CA THR F 56 0.86 -11.64 -18.85
C THR F 56 0.15 -12.93 -18.46
N ALA F 57 -1.10 -12.81 -18.04
CA ALA F 57 -1.86 -13.98 -17.63
C ALA F 57 -2.34 -14.84 -18.81
N SER F 58 -2.23 -14.30 -20.03
CA SER F 58 -2.68 -15.03 -21.20
C SER F 58 -1.56 -15.74 -21.95
N ILE F 59 -0.32 -15.52 -21.54
CA ILE F 59 0.82 -16.17 -22.18
C ILE F 59 1.41 -17.20 -21.25
N ALA F 60 2.25 -18.07 -21.80
CA ALA F 60 2.86 -19.10 -20.99
C ALA F 60 3.90 -18.49 -20.04
N PRO F 61 4.08 -19.08 -18.85
CA PRO F 61 5.05 -18.58 -17.86
C PRO F 61 6.44 -18.36 -18.43
N GLN F 62 6.87 -19.25 -19.31
CA GLN F 62 8.22 -19.17 -19.89
C GLN F 62 8.47 -17.98 -20.82
N GLN F 63 7.45 -17.18 -21.09
CA GLN F 63 7.68 -16.05 -21.97
C GLN F 63 7.46 -14.73 -21.25
N ARG F 64 7.24 -14.83 -19.95
CA ARG F 64 7.06 -13.64 -19.12
C ARG F 64 8.49 -13.15 -18.78
N ARG F 65 8.63 -11.88 -18.41
CA ARG F 65 9.93 -11.27 -18.09
C ARG F 65 9.93 -10.64 -16.71
N GLY F 66 11.11 -10.51 -16.13
CA GLY F 66 11.26 -9.84 -14.85
C GLY F 66 10.79 -10.68 -13.70
N GLU F 67 10.72 -10.14 -12.50
CA GLU F 67 10.29 -10.92 -11.35
C GLU F 67 8.94 -11.54 -11.68
N PRO F 68 8.79 -12.83 -11.39
CA PRO F 68 7.57 -13.61 -11.62
C PRO F 68 6.36 -13.16 -10.78
N VAL F 69 5.26 -12.87 -11.45
CA VAL F 69 4.04 -12.46 -10.78
C VAL F 69 3.45 -13.77 -10.29
N PRO F 70 3.10 -13.85 -9.00
CA PRO F 70 2.54 -15.09 -8.45
C PRO F 70 1.31 -15.52 -9.24
N GLN F 71 1.24 -16.81 -9.54
CA GLN F 71 0.11 -17.33 -10.30
C GLN F 71 -1.23 -16.89 -9.71
N ASP F 72 -1.27 -16.80 -8.38
CA ASP F 72 -2.48 -16.43 -7.67
C ASP F 72 -3.09 -15.14 -8.16
N LEU F 73 -2.23 -14.17 -8.41
CA LEU F 73 -2.65 -12.85 -8.86
C LEU F 73 -3.08 -12.88 -10.31
N LEU F 74 -2.28 -13.52 -11.15
CA LEU F 74 -2.63 -13.62 -12.57
C LEU F 74 -4.05 -14.19 -12.63
N ASP F 75 -4.32 -15.15 -11.75
CA ASP F 75 -5.63 -15.77 -11.65
C ASP F 75 -6.75 -14.75 -11.36
N ARG F 76 -6.51 -13.85 -10.42
CA ARG F 76 -7.53 -12.86 -10.06
C ARG F 76 -7.65 -11.76 -11.11
N VAL F 77 -6.61 -11.60 -11.92
CA VAL F 77 -6.63 -10.61 -13.00
C VAL F 77 -7.64 -11.04 -14.07
N LEU F 78 -7.59 -12.32 -14.43
CA LEU F 78 -8.49 -12.83 -15.45
C LEU F 78 -9.93 -12.97 -14.95
N ALA F 79 -10.10 -13.12 -13.64
CA ALA F 79 -11.43 -13.26 -13.05
C ALA F 79 -12.06 -11.87 -12.86
N ALA F 80 -11.22 -10.87 -12.59
CA ALA F 80 -11.69 -9.51 -12.41
C ALA F 80 -11.87 -8.89 -13.80
N HIS F 81 -11.14 -9.42 -14.78
CA HIS F 81 -11.21 -8.93 -16.15
C HIS F 81 -12.49 -9.41 -16.85
N ALA F 82 -12.90 -10.63 -16.51
CA ALA F 82 -14.09 -11.26 -17.08
C ALA F 82 -15.32 -10.64 -16.45
N TYR F 83 -15.20 -10.28 -15.17
CA TYR F 83 -16.28 -9.67 -14.42
C TYR F 83 -16.61 -8.21 -14.80
N TRP F 84 -15.57 -7.37 -14.92
CA TRP F 84 -15.70 -5.96 -15.26
C TRP F 84 -15.58 -5.72 -16.73
N SER F 85 -16.09 -6.65 -17.52
CA SER F 85 -15.92 -6.45 -18.92
C SER F 85 -17.26 -6.22 -19.52
N GLN F 86 -17.66 -4.99 -19.26
CA GLN F 86 -18.88 -4.45 -19.69
C GLN F 86 -19.94 -4.79 -18.70
#